data_6QWM
#
_entry.id   6QWM
#
_cell.length_a   78.628
_cell.length_b   78.628
_cell.length_c   265.122
_cell.angle_alpha   90.00
_cell.angle_beta   90.00
_cell.angle_gamma   90.00
#
_symmetry.space_group_name_H-M   'P 43 21 2'
#
loop_
_entity.id
_entity.type
_entity.pdbx_description
1 polymer 'Listeriolysin positive regulatory factor A'
2 polymer 'DNA (30-MER)'
3 polymer 'DNA (30-MER)'
4 non-polymer GLYCEROL
5 water water
#
loop_
_entity_poly.entity_id
_entity_poly.type
_entity_poly.pdbx_seq_one_letter_code
_entity_poly.pdbx_strand_id
1 'polypeptide(L)'
;GAMNAQAEEFKKYLETNGIKPKQFHKKELIFNQWDPQEYCIFLYDGITKLTSISENGTIMNLQYYKGAFVIMSGFIDTET
SVGYYNLEVISEQATAYVIKINELKELLSKNLTHFFYVFQTLQKQVSYSLAKFNDFSINGKLGSICGQLLILTYVYGKET
PDGIKITLDNLTMQELGYSSGIAHSSAVSRIISKLKQEKVIVYKNSCFYVQNLDYLKRYGPKLDEWFYLACPATWGKLN
;
A,B
2 'polydeoxyribonucleotide'
;(DT)(DT)(DG)(DA)(DG)(DG)(DC)(DA)(DT)(DT)(DA)(DA)(DC)(DA)(DT)(DT)(DT)(DG)(DT)(DT)
(DA)(DA)(DC)(DG)(DA)(DC)(DG)(DA)(DT)(DA)
;
C
3 'polydeoxyribonucleotide'
;(DT)(DA)(DT)(DC)(DG)(DT)(DC)(DG)(DT)(DT)(DA)(DA)(DC)(DA)(DA)(DA)(DT)(DG)(DT)(DT)
(DA)(DA)(DT)(DG)(DC)(DC)(DT)(DC)(DA)(DA)
;
D
#
loop_
_chem_comp.id
_chem_comp.type
_chem_comp.name
_chem_comp.formula
DA DNA linking 2'-DEOXYADENOSINE-5'-MONOPHOSPHATE 'C10 H14 N5 O6 P'
DC DNA linking 2'-DEOXYCYTIDINE-5'-MONOPHOSPHATE 'C9 H14 N3 O7 P'
DG DNA linking 2'-DEOXYGUANOSINE-5'-MONOPHOSPHATE 'C10 H14 N5 O7 P'
DT DNA linking THYMIDINE-5'-MONOPHOSPHATE 'C10 H15 N2 O8 P'
GOL non-polymer GLYCEROL 'C3 H8 O3'
#
# COMPACT_ATOMS: atom_id res chain seq x y z
N ASN A 4 16.50 14.56 -1.54
CA ASN A 4 17.16 15.72 -2.14
C ASN A 4 18.66 15.48 -2.26
N ALA A 5 19.35 15.49 -1.12
CA ALA A 5 20.78 15.21 -1.12
C ALA A 5 21.05 13.71 -1.14
N GLN A 6 20.29 12.94 -0.35
CA GLN A 6 20.44 11.49 -0.37
C GLN A 6 20.16 10.93 -1.76
N ALA A 7 19.38 11.67 -2.57
CA ALA A 7 19.10 11.23 -3.94
C ALA A 7 20.20 11.68 -4.89
N GLU A 8 20.69 12.91 -4.73
CA GLU A 8 21.79 13.38 -5.56
C GLU A 8 23.03 12.53 -5.36
N GLU A 9 23.22 11.99 -4.16
CA GLU A 9 24.30 11.05 -3.92
C GLU A 9 24.10 9.78 -4.73
N PHE A 10 22.88 9.24 -4.70
CA PHE A 10 22.56 8.06 -5.50
C PHE A 10 22.59 8.36 -6.99
N LYS A 11 22.29 9.61 -7.37
CA LYS A 11 22.42 10.02 -8.76
C LYS A 11 23.83 9.75 -9.29
N LYS A 12 24.84 10.17 -8.53
CA LYS A 12 26.22 10.04 -8.99
C LYS A 12 26.66 8.59 -9.04
N TYR A 13 26.24 7.78 -8.06
CA TYR A 13 26.61 6.38 -8.03
C TYR A 13 26.18 5.66 -9.31
N LEU A 14 25.11 6.12 -9.95
CA LEU A 14 24.62 5.47 -11.17
C LEU A 14 25.46 5.85 -12.38
N GLU A 15 25.74 7.16 -12.54
CA GLU A 15 26.57 7.60 -13.65
C GLU A 15 27.98 7.02 -13.56
N THR A 16 28.42 6.62 -12.36
CA THR A 16 29.76 6.07 -12.18
C THR A 16 29.89 4.63 -12.67
N ASN A 17 28.79 3.88 -12.70
CA ASN A 17 28.83 2.48 -13.09
C ASN A 17 28.29 2.23 -14.50
N GLY A 18 27.98 3.29 -15.25
CA GLY A 18 27.58 3.17 -16.64
C GLY A 18 26.11 3.45 -16.89
N ILE A 19 25.28 3.51 -15.86
CA ILE A 19 23.86 3.79 -16.07
C ILE A 19 23.70 5.23 -16.53
N LYS A 20 22.94 5.41 -17.61
CA LYS A 20 22.76 6.71 -18.23
C LYS A 20 21.31 7.19 -18.08
N PRO A 21 21.10 8.50 -17.95
CA PRO A 21 19.72 9.00 -17.85
C PRO A 21 19.01 8.97 -19.20
N LYS A 22 17.84 8.34 -19.23
CA LYS A 22 16.98 8.35 -20.40
C LYS A 22 15.89 9.40 -20.23
N GLN A 23 15.54 10.06 -21.33
CA GLN A 23 14.62 11.19 -21.30
C GLN A 23 13.27 10.78 -21.88
N PHE A 24 12.20 11.31 -21.30
CA PHE A 24 10.85 10.97 -21.70
C PHE A 24 10.00 12.24 -21.79
N HIS A 25 8.97 12.18 -22.62
CA HIS A 25 8.05 13.29 -22.82
C HIS A 25 6.66 12.91 -22.32
N LYS A 26 5.76 13.87 -22.36
CA LYS A 26 4.44 13.70 -21.80
C LYS A 26 3.66 12.61 -22.54
N LYS A 27 2.94 11.79 -21.77
CA LYS A 27 2.03 10.81 -22.34
C LYS A 27 2.72 9.53 -22.79
N GLU A 28 3.99 9.36 -22.42
CA GLU A 28 4.75 8.15 -22.77
C GLU A 28 5.12 7.41 -21.47
N LEU A 29 5.05 6.10 -21.50
CA LEU A 29 5.32 5.29 -20.32
C LEU A 29 6.65 4.55 -20.28
N ILE A 30 7.37 4.66 -19.17
CA ILE A 30 8.67 3.99 -19.02
C ILE A 30 8.46 2.48 -19.08
N PHE A 31 7.46 1.98 -18.38
CA PHE A 31 7.07 0.59 -18.46
C PHE A 31 5.54 0.51 -18.50
N ASN A 32 5.03 -0.65 -18.92
CA ASN A 32 3.60 -0.82 -19.11
C ASN A 32 3.19 -2.22 -18.69
N GLN A 33 1.87 -2.42 -18.57
CA GLN A 33 1.32 -3.68 -18.10
C GLN A 33 1.35 -4.77 -19.15
N TRP A 34 1.50 -4.43 -20.43
CA TRP A 34 1.46 -5.42 -21.50
C TRP A 34 2.84 -5.93 -21.88
N ASP A 35 3.89 -5.14 -21.66
CA ASP A 35 5.27 -5.61 -21.83
C ASP A 35 5.90 -5.77 -20.44
N PRO A 36 5.41 -6.70 -19.62
CA PRO A 36 5.95 -6.83 -18.26
C PRO A 36 7.41 -7.24 -18.24
N GLN A 37 8.30 -6.25 -18.30
CA GLN A 37 9.73 -6.47 -18.18
C GLN A 37 10.21 -5.77 -16.92
N GLU A 38 11.02 -6.48 -16.13
CA GLU A 38 11.35 -6.05 -14.78
C GLU A 38 12.50 -5.05 -14.82
N TYR A 39 12.20 -3.79 -14.49
CA TYR A 39 13.21 -2.73 -14.36
C TYR A 39 13.14 -2.14 -12.97
N CYS A 40 14.11 -1.29 -12.69
CA CYS A 40 14.14 -0.51 -11.45
C CYS A 40 14.34 0.95 -11.84
N ILE A 41 13.25 1.70 -11.95
CA ILE A 41 13.31 3.08 -12.38
C ILE A 41 13.67 3.97 -11.19
N PHE A 42 14.53 4.94 -11.44
CA PHE A 42 14.89 5.97 -10.46
C PHE A 42 14.55 7.32 -11.07
N LEU A 43 13.27 7.67 -11.02
CA LEU A 43 12.84 8.98 -11.49
C LEU A 43 13.62 10.07 -10.76
N TYR A 44 14.20 10.99 -11.54
CA TYR A 44 15.03 12.06 -10.99
C TYR A 44 14.39 13.43 -11.11
N ASP A 45 13.67 13.69 -12.19
CA ASP A 45 13.06 15.01 -12.41
C ASP A 45 11.88 14.84 -13.35
N GLY A 46 10.68 15.00 -12.82
CA GLY A 46 9.48 14.90 -13.62
C GLY A 46 8.33 14.40 -12.77
N ILE A 47 7.16 14.34 -13.41
CA ILE A 47 5.93 13.88 -12.77
C ILE A 47 5.39 12.69 -13.56
N THR A 48 4.98 11.65 -12.84
CA THR A 48 4.43 10.46 -13.45
C THR A 48 3.29 9.94 -12.58
N LYS A 49 2.46 9.09 -13.17
CA LYS A 49 1.37 8.43 -12.46
C LYS A 49 1.37 6.94 -12.77
N LEU A 50 1.21 6.13 -11.72
CA LEU A 50 1.08 4.69 -11.86
C LEU A 50 -0.40 4.35 -12.08
N THR A 51 -0.66 3.51 -13.09
CA THR A 51 -2.03 3.24 -13.51
C THR A 51 -2.19 1.76 -13.84
N SER A 52 -3.45 1.34 -13.91
CA SER A 52 -3.79 0.00 -14.36
C SER A 52 -5.12 0.07 -15.10
N ILE A 53 -5.26 -0.78 -16.11
CA ILE A 53 -6.45 -0.81 -16.96
C ILE A 53 -7.11 -2.17 -16.81
N SER A 54 -8.36 -2.17 -16.35
CA SER A 54 -9.10 -3.39 -16.12
C SER A 54 -9.25 -4.19 -17.42
N GLU A 55 -9.78 -5.40 -17.29
CA GLU A 55 -10.03 -6.23 -18.46
C GLU A 55 -11.08 -5.59 -19.36
N ASN A 56 -11.97 -4.78 -18.80
CA ASN A 56 -13.01 -4.11 -19.56
C ASN A 56 -12.70 -2.64 -19.84
N GLY A 57 -11.43 -2.25 -19.74
CA GLY A 57 -11.02 -0.92 -20.13
C GLY A 57 -11.22 0.16 -19.09
N THR A 58 -11.43 -0.20 -17.82
CA THR A 58 -11.58 0.80 -16.78
C THR A 58 -10.20 1.23 -16.27
N ILE A 59 -9.97 2.54 -16.24
CA ILE A 59 -8.69 3.09 -15.81
C ILE A 59 -8.70 3.32 -14.31
N MET A 60 -7.56 3.10 -13.67
CA MET A 60 -7.38 3.34 -12.25
C MET A 60 -6.01 3.96 -12.03
N ASN A 61 -5.98 5.17 -11.48
CA ASN A 61 -4.73 5.84 -11.12
C ASN A 61 -4.40 5.49 -9.69
N LEU A 62 -3.28 4.80 -9.48
CA LEU A 62 -2.95 4.29 -8.15
C LEU A 62 -2.25 5.34 -7.29
N GLN A 63 -1.37 6.15 -7.88
CA GLN A 63 -0.73 7.26 -7.18
C GLN A 63 0.20 7.96 -8.17
N TYR A 64 0.79 9.06 -7.71
CA TYR A 64 1.74 9.83 -8.49
C TYR A 64 3.14 9.68 -7.92
N TYR A 65 4.13 9.92 -8.78
CA TYR A 65 5.53 9.96 -8.38
C TYR A 65 6.19 11.18 -9.01
N LYS A 66 6.80 12.01 -8.17
CA LYS A 66 7.62 13.12 -8.63
C LYS A 66 9.04 12.91 -8.14
N GLY A 67 10.01 13.04 -9.05
CA GLY A 67 11.39 12.75 -8.71
C GLY A 67 11.91 13.62 -7.58
N ALA A 68 12.86 13.13 -6.78
CA ALA A 68 13.47 11.82 -6.96
C ALA A 68 12.64 10.75 -6.26
N PHE A 69 12.61 9.54 -6.83
CA PHE A 69 11.90 8.42 -6.23
C PHE A 69 12.29 7.15 -6.98
N VAL A 70 12.04 6.01 -6.34
CA VAL A 70 12.35 4.70 -6.90
C VAL A 70 11.04 3.98 -7.19
N ILE A 71 10.97 3.34 -8.36
CA ILE A 71 9.82 2.55 -8.77
C ILE A 71 10.34 1.26 -9.37
N MET A 72 9.93 0.13 -8.79
CA MET A 72 10.41 -1.18 -9.23
C MET A 72 9.23 -1.99 -9.77
N SER A 73 9.36 -2.46 -11.00
CA SER A 73 8.35 -3.29 -11.62
C SER A 73 8.62 -4.78 -11.45
N GLY A 74 9.69 -5.15 -10.75
CA GLY A 74 10.01 -6.55 -10.54
C GLY A 74 10.71 -6.74 -9.20
N PHE A 75 10.71 -8.00 -8.76
CA PHE A 75 11.34 -8.35 -7.50
C PHE A 75 12.85 -8.46 -7.64
N ILE A 76 13.55 -8.19 -6.54
CA ILE A 76 15.01 -8.20 -6.57
C ILE A 76 15.58 -9.61 -6.40
N ASP A 77 14.79 -10.55 -5.86
CA ASP A 77 15.24 -11.92 -5.67
C ASP A 77 14.84 -12.82 -6.84
N THR A 78 13.54 -12.88 -7.14
CA THR A 78 13.04 -13.78 -8.17
C THR A 78 12.99 -13.14 -9.54
N GLU A 79 13.10 -11.81 -9.62
CA GLU A 79 13.09 -11.08 -10.90
C GLU A 79 11.77 -11.27 -11.64
N THR A 80 10.69 -11.54 -10.92
CA THR A 80 9.36 -11.58 -11.49
C THR A 80 8.66 -10.24 -11.26
N SER A 81 7.57 -10.03 -12.02
CA SER A 81 6.86 -8.76 -11.95
C SER A 81 6.12 -8.62 -10.62
N VAL A 82 6.19 -7.43 -10.03
CA VAL A 82 5.50 -7.12 -8.78
C VAL A 82 4.03 -6.87 -9.08
N GLY A 83 3.68 -6.84 -10.35
CA GLY A 83 2.34 -6.49 -10.76
C GLY A 83 2.38 -5.79 -12.10
N TYR A 84 1.28 -5.85 -12.82
CA TYR A 84 1.18 -5.30 -14.17
C TYR A 84 0.61 -3.89 -14.09
N TYR A 85 1.47 -2.89 -14.21
CA TYR A 85 1.07 -1.49 -14.10
C TYR A 85 1.76 -0.68 -15.19
N ASN A 86 1.27 0.55 -15.39
CA ASN A 86 1.85 1.49 -16.33
C ASN A 86 2.29 2.74 -15.58
N LEU A 87 3.45 3.27 -15.95
CA LEU A 87 3.98 4.50 -15.36
C LEU A 87 4.04 5.57 -16.45
N GLU A 88 3.01 6.41 -16.50
CA GLU A 88 2.86 7.40 -17.57
C GLU A 88 3.46 8.74 -17.15
N VAL A 89 4.15 9.38 -18.09
CA VAL A 89 4.68 10.72 -17.87
C VAL A 89 3.57 11.72 -18.14
N ILE A 90 3.23 12.52 -17.13
CA ILE A 90 2.18 13.52 -17.26
C ILE A 90 2.73 14.95 -17.29
N SER A 91 3.97 15.16 -16.85
CA SER A 91 4.61 16.46 -16.98
C SER A 91 5.12 16.64 -18.41
N GLU A 92 5.56 17.87 -18.71
CA GLU A 92 6.02 18.17 -20.06
C GLU A 92 7.18 17.26 -20.47
N GLN A 93 8.15 17.10 -19.59
CA GLN A 93 9.28 16.22 -19.85
C GLN A 93 9.82 15.70 -18.53
N ALA A 94 10.25 14.43 -18.52
CA ALA A 94 10.76 13.80 -17.31
C ALA A 94 12.01 13.00 -17.65
N THR A 95 12.91 12.89 -16.67
CA THR A 95 14.18 12.20 -16.82
C THR A 95 14.29 11.14 -15.74
N ALA A 96 14.73 9.94 -16.13
CA ALA A 96 14.81 8.83 -15.19
C ALA A 96 15.95 7.91 -15.57
N TYR A 97 16.54 7.27 -14.55
CA TYR A 97 17.61 6.29 -14.73
C TYR A 97 16.99 4.90 -14.67
N VAL A 98 16.86 4.26 -15.82
CA VAL A 98 16.31 2.92 -15.88
C VAL A 98 17.43 1.90 -15.64
N ILE A 99 17.09 0.83 -14.94
CA ILE A 99 18.02 -0.25 -14.65
C ILE A 99 17.31 -1.57 -14.84
N LYS A 100 18.03 -2.57 -15.34
CA LYS A 100 17.51 -3.92 -15.37
C LYS A 100 17.67 -4.54 -14.00
N ILE A 101 16.60 -5.14 -13.49
CA ILE A 101 16.63 -5.72 -12.14
C ILE A 101 17.79 -6.70 -12.01
N ASN A 102 18.21 -7.30 -13.12
CA ASN A 102 19.39 -8.16 -13.11
C ASN A 102 20.60 -7.40 -12.58
N GLU A 103 20.89 -6.24 -13.14
CA GLU A 103 22.02 -5.43 -12.72
C GLU A 103 21.83 -4.81 -11.34
N LEU A 104 20.62 -4.85 -10.78
CA LEU A 104 20.34 -4.08 -9.57
C LEU A 104 20.93 -4.74 -8.33
N LYS A 105 20.55 -6.00 -8.07
CA LYS A 105 21.03 -6.67 -6.86
C LYS A 105 22.54 -6.59 -6.76
N GLU A 106 23.24 -6.71 -7.88
CA GLU A 106 24.69 -6.59 -7.89
C GLU A 106 25.15 -5.17 -7.65
N LEU A 107 24.28 -4.18 -7.88
CA LEU A 107 24.68 -2.78 -7.75
C LEU A 107 24.61 -2.31 -6.31
N LEU A 108 23.62 -2.78 -5.55
CA LEU A 108 23.46 -2.34 -4.17
C LEU A 108 24.37 -3.11 -3.21
N SER A 109 24.80 -4.32 -3.58
CA SER A 109 25.67 -5.09 -2.69
C SER A 109 27.00 -4.41 -2.42
N LYS A 110 27.35 -3.41 -3.23
CA LYS A 110 28.62 -2.70 -3.06
C LYS A 110 28.51 -1.58 -2.03
N ASN A 111 27.63 -0.63 -2.27
CA ASN A 111 27.39 0.48 -1.36
C ASN A 111 26.08 0.23 -0.63
N LEU A 112 26.14 0.16 0.70
CA LEU A 112 24.95 -0.10 1.51
C LEU A 112 24.23 1.17 1.94
N THR A 113 24.86 2.35 1.80
CA THR A 113 24.16 3.59 2.11
C THR A 113 23.15 3.93 1.02
N HIS A 114 23.38 3.47 -0.20
CA HIS A 114 22.39 3.55 -1.26
C HIS A 114 21.41 2.38 -1.22
N PHE A 115 21.86 1.22 -0.72
CA PHE A 115 20.92 0.16 -0.35
C PHE A 115 19.90 0.70 0.65
N PHE A 116 20.36 1.42 1.67
CA PHE A 116 19.44 2.01 2.64
C PHE A 116 18.53 3.04 1.97
N TYR A 117 19.09 3.90 1.12
CA TYR A 117 18.29 4.91 0.45
C TYR A 117 17.10 4.27 -0.27
N VAL A 118 17.35 3.24 -1.07
CA VAL A 118 16.28 2.57 -1.78
C VAL A 118 15.36 1.84 -0.80
N PHE A 119 15.93 1.24 0.24
CA PHE A 119 15.11 0.53 1.21
C PHE A 119 14.17 1.47 1.95
N GLN A 120 14.65 2.68 2.28
CA GLN A 120 13.82 3.60 3.04
C GLN A 120 12.70 4.19 2.17
N THR A 121 12.99 4.44 0.89
CA THR A 121 11.93 4.90 0.00
C THR A 121 10.84 3.86 -0.15
N LEU A 122 11.23 2.58 -0.24
CA LEU A 122 10.25 1.50 -0.22
C LEU A 122 9.39 1.55 1.04
N GLN A 123 9.97 1.98 2.17
CA GLN A 123 9.17 2.15 3.38
C GLN A 123 8.25 3.36 3.26
N LYS A 124 8.74 4.45 2.67
CA LYS A 124 7.85 5.58 2.38
C LYS A 124 6.70 5.14 1.47
N GLN A 125 6.93 4.14 0.61
CA GLN A 125 5.87 3.64 -0.24
C GLN A 125 4.80 2.91 0.57
N VAL A 126 5.23 2.01 1.47
CA VAL A 126 4.28 1.21 2.23
C VAL A 126 3.43 2.10 3.12
N SER A 127 4.07 2.92 3.95
CA SER A 127 3.33 3.82 4.83
C SER A 127 2.34 4.66 4.04
N TYR A 128 2.74 5.11 2.86
CA TYR A 128 1.84 5.90 2.01
C TYR A 128 0.62 5.07 1.62
N SER A 129 0.83 3.82 1.20
CA SER A 129 -0.27 3.00 0.73
C SER A 129 -1.26 2.70 1.85
N LEU A 130 -0.76 2.30 3.02
CA LEU A 130 -1.64 2.05 4.15
C LEU A 130 -2.41 3.30 4.53
N ALA A 131 -1.72 4.43 4.64
CA ALA A 131 -2.38 5.70 4.97
C ALA A 131 -3.47 6.02 3.95
N LYS A 132 -3.13 5.97 2.67
CA LYS A 132 -4.11 6.26 1.62
C LYS A 132 -5.26 5.27 1.68
N PHE A 133 -4.96 3.99 1.81
CA PHE A 133 -6.02 2.98 1.92
C PHE A 133 -6.89 3.23 3.13
N ASN A 134 -6.29 3.70 4.23
CA ASN A 134 -7.04 3.90 5.47
C ASN A 134 -8.13 4.93 5.30
N ASP A 135 -7.79 6.08 4.71
CA ASP A 135 -8.73 7.20 4.65
C ASP A 135 -9.74 7.04 3.53
N PHE A 136 -9.40 6.33 2.45
CA PHE A 136 -10.33 6.14 1.35
C PHE A 136 -11.44 5.15 1.68
N SER A 137 -11.24 4.32 2.69
CA SER A 137 -12.19 3.26 3.01
C SER A 137 -13.21 3.67 4.07
N ILE A 138 -12.93 4.71 4.84
CA ILE A 138 -13.78 5.06 5.98
C ILE A 138 -14.93 5.96 5.57
N ASN A 139 -14.69 6.91 4.65
CA ASN A 139 -15.68 7.92 4.31
C ASN A 139 -16.15 7.82 2.86
N GLY A 140 -16.06 6.65 2.26
CA GLY A 140 -16.58 6.47 0.92
C GLY A 140 -15.84 7.32 -0.09
N LYS A 141 -16.60 7.80 -1.09
CA LYS A 141 -16.00 8.53 -2.19
C LYS A 141 -15.80 10.00 -1.87
N LEU A 142 -16.74 10.62 -1.14
CA LEU A 142 -16.56 12.00 -0.72
C LEU A 142 -15.22 12.18 -0.01
N GLY A 143 -14.86 11.22 0.85
CA GLY A 143 -13.57 11.28 1.51
C GLY A 143 -12.42 10.91 0.60
N SER A 144 -12.65 10.01 -0.35
CA SER A 144 -11.61 9.68 -1.33
C SER A 144 -11.17 10.92 -2.09
N ILE A 145 -12.13 11.74 -2.53
CA ILE A 145 -11.81 12.98 -3.22
C ILE A 145 -10.99 13.88 -2.31
N CYS A 146 -11.50 14.15 -1.11
CA CYS A 146 -10.78 15.01 -0.17
C CYS A 146 -9.42 14.42 0.17
N GLY A 147 -9.34 13.10 0.31
CA GLY A 147 -8.05 12.47 0.54
C GLY A 147 -7.08 12.71 -0.59
N GLN A 148 -7.51 12.43 -1.82
CA GLN A 148 -6.66 12.67 -2.98
C GLN A 148 -6.29 14.14 -3.08
N LEU A 149 -7.26 15.03 -2.87
CA LEU A 149 -6.95 16.46 -2.89
C LEU A 149 -5.88 16.79 -1.86
N LEU A 150 -6.08 16.37 -0.61
CA LEU A 150 -5.10 16.62 0.45
C LEU A 150 -3.69 16.29 -0.02
N ILE A 151 -3.52 15.13 -0.65
CA ILE A 151 -2.19 14.74 -1.16
C ILE A 151 -1.73 15.74 -2.21
N LEU A 152 -2.65 16.21 -3.06
CA LEU A 152 -2.27 17.06 -4.18
C LEU A 152 -1.81 18.44 -3.72
N THR A 153 -2.30 18.92 -2.57
CA THR A 153 -1.92 20.25 -2.11
C THR A 153 -0.57 20.24 -1.40
N TYR A 154 -0.19 19.12 -0.80
CA TYR A 154 1.12 19.03 -0.16
C TYR A 154 2.22 18.88 -1.19
N VAL A 155 2.06 17.95 -2.14
CA VAL A 155 3.13 17.66 -3.09
C VAL A 155 3.19 18.73 -4.18
N TYR A 156 2.06 19.35 -4.53
CA TYR A 156 1.98 20.30 -5.63
C TYR A 156 1.21 21.54 -5.20
N GLY A 157 1.66 22.19 -4.14
CA GLY A 157 0.96 23.34 -3.59
C GLY A 157 1.88 24.51 -3.33
N LYS A 158 1.39 25.70 -3.64
CA LYS A 158 2.03 26.96 -3.29
C LYS A 158 0.98 27.90 -2.74
N GLU A 159 1.36 28.69 -1.73
CA GLU A 159 0.42 29.57 -1.06
C GLU A 159 0.26 30.86 -1.84
N THR A 160 -0.98 31.28 -2.05
CA THR A 160 -1.32 32.53 -2.71
C THR A 160 -2.35 33.26 -1.87
N PRO A 161 -2.57 34.55 -2.16
CA PRO A 161 -3.59 35.29 -1.39
C PRO A 161 -4.99 34.70 -1.52
N ASP A 162 -5.29 33.99 -2.60
CA ASP A 162 -6.59 33.35 -2.79
C ASP A 162 -6.62 31.92 -2.29
N GLY A 163 -5.61 31.50 -1.51
CA GLY A 163 -5.54 30.14 -1.01
C GLY A 163 -4.24 29.47 -1.37
N ILE A 164 -4.31 28.18 -1.66
CA ILE A 164 -3.18 27.36 -2.02
C ILE A 164 -3.38 26.78 -3.38
N LYS A 165 -2.55 27.18 -4.33
CA LYS A 165 -2.74 26.81 -5.72
C LYS A 165 -2.15 25.44 -5.97
N ILE A 166 -2.92 24.56 -6.59
CA ILE A 166 -2.45 23.24 -7.00
C ILE A 166 -1.86 23.42 -8.40
N THR A 167 -0.54 23.49 -8.48
CA THR A 167 0.16 23.81 -9.73
C THR A 167 0.32 22.56 -10.60
N LEU A 168 -0.83 22.04 -11.04
CA LEU A 168 -0.86 20.92 -11.96
C LEU A 168 -1.56 21.33 -13.23
N ASP A 169 -0.95 21.05 -14.38
CA ASP A 169 -1.48 21.48 -15.66
C ASP A 169 -2.84 20.86 -15.94
N ASN A 170 -2.98 19.57 -15.64
CA ASN A 170 -4.23 18.89 -15.91
C ASN A 170 -4.86 18.31 -14.65
N LEU A 171 -6.07 18.77 -14.35
CA LEU A 171 -6.87 18.16 -13.29
C LEU A 171 -8.32 18.04 -13.75
N THR A 172 -8.57 17.19 -14.73
CA THR A 172 -9.91 16.99 -15.24
C THR A 172 -10.74 16.24 -14.21
N MET A 173 -12.07 16.32 -14.31
CA MET A 173 -12.89 15.63 -13.38
C MET A 173 -12.70 14.15 -13.50
N GLN A 174 -12.59 13.62 -14.69
CA GLN A 174 -12.37 12.19 -14.83
C GLN A 174 -11.03 11.77 -14.25
N GLU A 175 -10.03 12.67 -14.28
CA GLU A 175 -8.71 12.33 -13.77
C GLU A 175 -8.72 12.16 -12.25
N LEU A 176 -9.45 13.04 -11.55
CA LEU A 176 -9.64 12.85 -10.12
C LEU A 176 -10.45 11.60 -9.85
N GLY A 177 -11.53 11.38 -10.61
CA GLY A 177 -12.32 10.18 -10.43
C GLY A 177 -11.51 8.91 -10.57
N TYR A 178 -10.54 8.91 -11.49
CA TYR A 178 -9.68 7.74 -11.66
C TYR A 178 -8.78 7.55 -10.44
N SER A 179 -8.36 8.64 -9.79
CA SER A 179 -7.53 8.52 -8.61
C SER A 179 -8.34 8.06 -7.40
N SER A 180 -9.62 8.42 -7.33
CA SER A 180 -10.48 8.07 -6.21
C SER A 180 -11.38 6.87 -6.49
N GLY A 181 -11.36 6.34 -7.70
CA GLY A 181 -12.17 5.18 -8.02
C GLY A 181 -13.59 5.50 -8.43
N ILE A 182 -13.83 6.67 -9.03
CA ILE A 182 -15.15 7.07 -9.49
C ILE A 182 -15.17 6.97 -11.01
N ALA A 183 -16.19 6.30 -11.55
CA ALA A 183 -16.21 5.95 -12.97
C ALA A 183 -16.71 7.08 -13.86
N HIS A 184 -17.62 7.90 -13.37
CA HIS A 184 -18.30 8.90 -14.19
C HIS A 184 -17.96 10.30 -13.70
N SER A 185 -17.63 11.19 -14.63
CA SER A 185 -17.21 12.54 -14.27
C SER A 185 -18.34 13.33 -13.63
N SER A 186 -19.60 13.02 -13.97
CA SER A 186 -20.72 13.72 -13.35
C SER A 186 -20.73 13.50 -11.84
N ALA A 187 -20.15 12.42 -11.36
CA ALA A 187 -20.21 12.15 -9.95
C ALA A 187 -19.16 12.91 -9.18
N VAL A 188 -18.09 13.21 -9.87
CA VAL A 188 -17.01 13.97 -9.29
C VAL A 188 -17.43 15.39 -9.22
N SER A 189 -18.03 15.85 -10.28
CA SER A 189 -18.50 17.22 -10.34
C SER A 189 -19.52 17.50 -9.26
N ARG A 190 -20.45 16.57 -9.04
CA ARG A 190 -21.44 16.74 -7.98
C ARG A 190 -20.75 16.95 -6.64
N ILE A 191 -19.74 16.13 -6.35
CA ILE A 191 -19.01 16.26 -5.09
C ILE A 191 -18.28 17.61 -5.03
N ILE A 192 -17.57 17.94 -6.11
CA ILE A 192 -16.85 19.21 -6.16
C ILE A 192 -17.81 20.38 -6.08
N SER A 193 -19.03 20.22 -6.62
CA SER A 193 -20.04 21.26 -6.48
C SER A 193 -20.38 21.51 -5.02
N LYS A 194 -20.24 20.49 -4.17
CA LYS A 194 -20.49 20.67 -2.75
C LYS A 194 -19.32 21.33 -2.04
N LEU A 195 -18.08 21.05 -2.48
CA LEU A 195 -16.92 21.62 -1.82
C LEU A 195 -16.79 23.11 -2.09
N LYS A 196 -17.20 23.57 -3.28
CA LYS A 196 -17.28 25.01 -3.50
C LYS A 196 -18.41 25.61 -2.69
N GLN A 197 -19.58 24.96 -2.70
CA GLN A 197 -20.70 25.38 -1.88
C GLN A 197 -20.28 25.59 -0.42
N GLU A 198 -19.72 24.54 0.19
CA GLU A 198 -19.24 24.63 1.57
C GLU A 198 -18.02 25.55 1.72
N LYS A 199 -17.53 26.13 0.63
CA LYS A 199 -16.46 27.14 0.69
C LYS A 199 -15.19 26.54 1.31
N VAL A 200 -14.67 25.52 0.65
CA VAL A 200 -13.40 24.92 1.05
C VAL A 200 -12.43 24.99 -0.12
N ILE A 201 -12.96 24.92 -1.33
CA ILE A 201 -12.18 25.13 -2.55
C ILE A 201 -12.89 26.04 -3.53
N VAL A 202 -12.12 26.59 -4.45
CA VAL A 202 -12.66 27.39 -5.54
C VAL A 202 -11.75 27.19 -6.74
N TYR A 203 -12.33 27.31 -7.94
CA TYR A 203 -11.60 27.09 -9.19
C TYR A 203 -11.39 28.44 -9.88
N LYS A 204 -10.16 28.94 -9.84
CA LYS A 204 -9.78 30.18 -10.51
C LYS A 204 -8.48 29.95 -11.27
N ASN A 205 -8.28 30.77 -12.31
CA ASN A 205 -7.02 30.77 -13.06
C ASN A 205 -6.67 29.38 -13.58
N SER A 206 -7.68 28.59 -13.93
CA SER A 206 -7.48 27.25 -14.48
C SER A 206 -6.81 26.32 -13.47
N CYS A 207 -7.02 26.55 -12.19
CA CYS A 207 -6.41 25.73 -11.14
C CYS A 207 -7.33 25.70 -9.93
N PHE A 208 -7.10 24.70 -9.08
CA PHE A 208 -7.85 24.55 -7.85
C PHE A 208 -7.12 25.27 -6.71
N TYR A 209 -7.87 26.06 -5.95
CA TYR A 209 -7.33 26.78 -4.80
C TYR A 209 -8.07 26.32 -3.55
N VAL A 210 -7.32 25.81 -2.58
CA VAL A 210 -7.89 25.28 -1.35
C VAL A 210 -7.89 26.38 -0.29
N GLN A 211 -9.05 26.64 0.29
CA GLN A 211 -9.20 27.69 1.30
C GLN A 211 -9.45 27.15 2.70
N ASN A 212 -9.72 25.84 2.85
CA ASN A 212 -9.97 25.22 4.15
C ASN A 212 -9.20 23.90 4.20
N LEU A 213 -7.90 24.00 4.47
CA LEU A 213 -7.06 22.81 4.53
C LEU A 213 -7.53 21.85 5.62
N ASP A 214 -7.95 22.39 6.77
CA ASP A 214 -8.38 21.54 7.87
C ASP A 214 -9.52 20.62 7.45
N TYR A 215 -10.47 21.14 6.69
CA TYR A 215 -11.59 20.32 6.21
C TYR A 215 -11.08 19.04 5.55
N LEU A 216 -9.99 19.14 4.78
CA LEU A 216 -9.44 17.95 4.14
C LEU A 216 -8.71 17.07 5.14
N LYS A 217 -8.00 17.68 6.09
CA LYS A 217 -7.35 16.91 7.14
C LYS A 217 -8.34 16.04 7.90
N ARG A 218 -9.58 16.49 8.04
N ARG A 218 -9.56 16.53 8.09
CA ARG A 218 -10.58 15.70 8.75
CA ARG A 218 -10.60 15.73 8.71
C ARG A 218 -10.96 14.44 7.98
C ARG A 218 -10.80 14.41 7.97
N TYR A 219 -10.91 14.48 6.65
CA TYR A 219 -11.20 13.32 5.83
C TYR A 219 -9.95 12.55 5.40
N GLY A 220 -8.76 13.08 5.66
CA GLY A 220 -7.54 12.40 5.35
C GLY A 220 -6.54 12.49 6.49
N PRO A 221 -6.96 12.09 7.68
CA PRO A 221 -6.09 12.23 8.86
C PRO A 221 -4.85 11.37 8.77
N LYS A 222 -5.02 10.10 8.40
CA LYS A 222 -3.86 9.22 8.28
C LYS A 222 -2.92 9.68 7.17
N LEU A 223 -3.44 10.38 6.16
CA LEU A 223 -2.58 10.90 5.11
C LEU A 223 -1.77 12.09 5.59
N ASP A 224 -2.42 13.05 6.25
CA ASP A 224 -1.69 14.17 6.84
C ASP A 224 -0.66 13.66 7.85
N GLU A 225 -1.00 12.61 8.59
CA GLU A 225 -0.03 12.00 9.48
C GLU A 225 1.17 11.47 8.72
N TRP A 226 0.96 10.99 7.50
CA TRP A 226 2.06 10.41 6.72
C TRP A 226 3.04 11.48 6.27
N PHE A 227 2.53 12.63 5.82
CA PHE A 227 3.43 13.71 5.42
C PHE A 227 4.26 14.19 6.59
N TYR A 228 3.66 14.32 7.77
CA TYR A 228 4.40 14.78 8.94
C TYR A 228 5.56 13.83 9.26
N LEU A 229 5.36 12.54 9.06
CA LEU A 229 6.36 11.54 9.44
C LEU A 229 7.30 11.16 8.30
N ALA A 230 6.84 11.20 7.06
CA ALA A 230 7.65 10.76 5.91
C ALA A 230 8.18 11.90 5.07
N CYS A 231 7.39 12.95 4.85
CA CYS A 231 7.82 14.13 4.09
C CYS A 231 7.61 15.36 4.98
N PRO A 232 8.37 15.49 6.06
CA PRO A 232 8.15 16.62 6.98
C PRO A 232 8.43 17.96 6.35
N ALA A 233 9.40 18.05 5.46
CA ALA A 233 9.67 19.30 4.75
C ALA A 233 8.43 19.75 3.98
N THR A 234 7.87 18.85 3.16
CA THR A 234 6.63 19.16 2.47
C THR A 234 5.54 19.54 3.48
N TRP A 235 5.53 18.89 4.64
CA TRP A 235 4.52 19.18 5.65
C TRP A 235 4.69 20.60 6.20
N GLY A 236 5.94 20.99 6.49
CA GLY A 236 6.17 22.29 7.08
C GLY A 236 5.72 23.44 6.20
N LYS A 237 5.83 23.28 4.88
CA LYS A 237 5.45 24.36 3.98
C LYS A 237 4.00 24.78 4.16
N LEU A 238 3.17 23.92 4.75
CA LEU A 238 1.76 24.25 4.99
C LEU A 238 1.41 24.21 6.48
N ASN A 239 2.43 24.20 7.35
CA ASN A 239 2.18 24.14 8.79
C ASN A 239 3.25 24.93 9.55
N ASN B 4 8.94 -21.97 5.13
CA ASN B 4 9.77 -21.19 4.22
C ASN B 4 11.26 -21.34 4.57
N ALA B 5 12.09 -21.57 3.55
CA ALA B 5 13.51 -21.75 3.79
C ALA B 5 14.20 -20.41 4.08
N GLN B 6 13.92 -19.39 3.27
CA GLN B 6 14.51 -18.07 3.49
C GLN B 6 14.26 -17.59 4.92
N ALA B 7 13.07 -17.86 5.45
CA ALA B 7 12.74 -17.42 6.80
C ALA B 7 13.48 -18.24 7.84
N GLU B 8 13.61 -19.55 7.63
CA GLU B 8 14.30 -20.40 8.59
C GLU B 8 15.77 -20.02 8.69
N GLU B 9 16.39 -19.65 7.57
CA GLU B 9 17.74 -19.11 7.61
C GLU B 9 17.79 -17.82 8.41
N PHE B 10 16.72 -17.02 8.35
CA PHE B 10 16.68 -15.76 9.09
C PHE B 10 16.45 -16.02 10.57
N LYS B 11 15.59 -16.99 10.89
CA LYS B 11 15.34 -17.33 12.29
C LYS B 11 16.64 -17.62 13.01
N LYS B 12 17.45 -18.53 12.48
CA LYS B 12 18.67 -18.95 13.15
C LYS B 12 19.81 -17.95 12.99
N TYR B 13 19.59 -16.87 12.23
CA TYR B 13 20.57 -15.79 12.18
C TYR B 13 20.40 -14.84 13.36
N LEU B 14 19.17 -14.61 13.80
CA LEU B 14 18.91 -13.73 14.93
C LEU B 14 19.20 -14.41 16.26
N GLU B 15 18.84 -15.69 16.39
CA GLU B 15 19.12 -16.41 17.62
C GLU B 15 20.63 -16.51 17.86
N THR B 16 21.43 -16.51 16.79
CA THR B 16 22.87 -16.52 16.95
C THR B 16 23.40 -15.22 17.52
N ASN B 17 22.62 -14.15 17.48
CA ASN B 17 23.05 -12.84 17.97
C ASN B 17 22.32 -12.42 19.24
N GLY B 18 21.81 -13.38 20.01
CA GLY B 18 21.18 -13.09 21.28
C GLY B 18 19.76 -12.58 21.18
N ILE B 19 19.08 -12.82 20.07
CA ILE B 19 17.71 -12.35 19.87
C ILE B 19 16.79 -13.53 20.15
N LYS B 20 16.11 -13.51 21.29
CA LYS B 20 15.21 -14.58 21.66
C LYS B 20 13.81 -14.31 21.13
N PRO B 21 12.94 -15.33 21.10
CA PRO B 21 11.57 -15.10 20.63
C PRO B 21 10.58 -14.87 21.76
N LYS B 22 9.90 -13.73 21.76
CA LYS B 22 8.85 -13.46 22.73
C LYS B 22 7.58 -14.19 22.32
N GLN B 23 6.77 -14.55 23.32
CA GLN B 23 5.50 -15.21 23.12
C GLN B 23 4.37 -14.22 23.38
N PHE B 24 3.30 -14.32 22.58
CA PHE B 24 2.16 -13.43 22.70
C PHE B 24 0.88 -14.24 22.61
N HIS B 25 -0.15 -13.77 23.31
CA HIS B 25 -1.44 -14.43 23.34
C HIS B 25 -2.48 -13.56 22.63
N LYS B 26 -3.60 -14.19 22.28
CA LYS B 26 -4.66 -13.50 21.56
C LYS B 26 -5.04 -12.21 22.27
N LYS B 27 -5.45 -11.21 21.49
CA LYS B 27 -5.88 -9.89 21.92
C LYS B 27 -4.69 -8.98 22.26
N GLU B 28 -3.46 -9.49 22.26
CA GLU B 28 -2.31 -8.73 22.72
C GLU B 28 -1.68 -7.95 21.58
N LEU B 29 -1.30 -6.70 21.85
CA LEU B 29 -0.72 -5.82 20.85
C LEU B 29 0.80 -5.84 20.97
N ILE B 30 1.47 -6.26 19.90
CA ILE B 30 2.94 -6.25 19.90
C ILE B 30 3.47 -4.82 19.88
N PHE B 31 2.84 -3.95 19.10
CA PHE B 31 3.03 -2.51 19.24
C PHE B 31 1.67 -1.84 19.07
N ASN B 32 1.62 -0.54 19.36
CA ASN B 32 0.34 0.17 19.38
C ASN B 32 0.54 1.59 18.91
N GLN B 33 -0.56 2.20 18.47
CA GLN B 33 -0.59 3.54 17.89
C GLN B 33 -0.40 4.64 18.93
N TRP B 34 -0.33 4.32 20.23
CA TRP B 34 -0.22 5.32 21.26
C TRP B 34 1.16 5.41 21.89
N ASP B 35 1.94 4.33 21.85
CA ASP B 35 3.29 4.31 22.40
C ASP B 35 4.25 3.88 21.28
N PRO B 36 4.52 4.77 20.33
CA PRO B 36 5.37 4.38 19.19
C PRO B 36 6.79 4.06 19.59
N GLN B 37 7.08 2.77 19.76
CA GLN B 37 8.44 2.27 19.86
C GLN B 37 8.81 1.66 18.51
N GLU B 38 9.84 2.20 17.88
CA GLU B 38 10.19 1.84 16.51
C GLU B 38 10.87 0.48 16.52
N TYR B 39 10.10 -0.58 16.28
CA TYR B 39 10.59 -1.94 16.28
C TYR B 39 10.71 -2.47 14.85
N CYS B 40 11.29 -3.66 14.74
CA CYS B 40 11.22 -4.46 13.53
C CYS B 40 10.76 -5.86 13.97
N ILE B 41 9.50 -6.18 13.69
CA ILE B 41 8.92 -7.44 14.13
C ILE B 41 9.13 -8.48 13.04
N PHE B 42 9.83 -9.56 13.38
CA PHE B 42 9.93 -10.72 12.50
C PHE B 42 8.97 -11.78 13.02
N LEU B 43 7.69 -11.55 12.76
CA LEU B 43 6.66 -12.52 13.10
C LEU B 43 7.00 -13.86 12.45
N TYR B 44 7.13 -14.89 13.26
CA TYR B 44 7.56 -16.21 12.81
C TYR B 44 6.44 -17.25 12.79
N ASP B 45 5.57 -17.24 13.80
CA ASP B 45 4.44 -18.15 13.87
C ASP B 45 3.26 -17.43 14.49
N GLY B 46 2.10 -17.50 13.84
CA GLY B 46 0.89 -16.90 14.31
C GLY B 46 0.25 -16.00 13.29
N ILE B 47 -0.92 -15.48 13.64
CA ILE B 47 -1.69 -14.60 12.78
C ILE B 47 -1.95 -13.30 13.53
N THR B 48 -1.75 -12.18 12.84
CA THR B 48 -1.92 -10.86 13.45
C THR B 48 -2.57 -9.94 12.43
N LYS B 49 -3.41 -9.03 12.92
CA LYS B 49 -4.03 -8.02 12.09
C LYS B 49 -3.44 -6.66 12.42
N LEU B 50 -3.09 -5.89 11.38
CA LEU B 50 -2.63 -4.52 11.54
C LEU B 50 -3.85 -3.60 11.50
N THR B 51 -4.05 -2.83 12.57
CA THR B 51 -5.27 -2.05 12.73
C THR B 51 -4.92 -0.61 13.05
N SER B 52 -5.92 0.26 12.86
CA SER B 52 -5.81 1.67 13.20
C SER B 52 -7.16 2.15 13.70
N ILE B 53 -7.13 3.01 14.71
CA ILE B 53 -8.33 3.55 15.33
C ILE B 53 -8.31 5.06 15.19
N SER B 54 -9.43 5.64 14.77
CA SER B 54 -9.53 7.08 14.60
C SER B 54 -9.69 7.77 15.95
N GLU B 55 -9.80 9.10 15.91
CA GLU B 55 -10.00 9.86 17.15
C GLU B 55 -11.39 9.64 17.72
N ASN B 56 -12.38 9.33 16.87
CA ASN B 56 -13.73 9.06 17.32
C ASN B 56 -13.98 7.57 17.58
N GLY B 57 -12.95 6.74 17.44
CA GLY B 57 -13.07 5.34 17.84
C GLY B 57 -13.54 4.39 16.76
N THR B 58 -13.23 4.65 15.50
CA THR B 58 -13.57 3.74 14.40
C THR B 58 -12.38 2.85 14.13
N ILE B 59 -12.60 1.54 14.19
CA ILE B 59 -11.54 0.57 13.91
C ILE B 59 -11.41 0.38 12.41
N MET B 60 -10.18 0.20 11.94
CA MET B 60 -9.90 -0.09 10.54
C MET B 60 -8.88 -1.21 10.50
N ASN B 61 -9.28 -2.36 9.96
CA ASN B 61 -8.37 -3.47 9.73
C ASN B 61 -7.72 -3.27 8.37
N LEU B 62 -6.41 -3.02 8.36
CA LEU B 62 -5.72 -2.75 7.11
C LEU B 62 -5.29 -4.02 6.39
N GLN B 63 -4.83 -5.03 7.13
CA GLN B 63 -4.48 -6.33 6.54
C GLN B 63 -4.13 -7.29 7.67
N TYR B 64 -3.87 -8.54 7.29
CA TYR B 64 -3.43 -9.58 8.22
C TYR B 64 -2.00 -9.99 7.89
N TYR B 65 -1.39 -10.71 8.84
CA TYR B 65 -0.02 -11.20 8.68
C TYR B 65 0.05 -12.63 9.18
N LYS B 66 0.35 -13.56 8.27
CA LYS B 66 0.62 -14.95 8.63
C LYS B 66 2.12 -15.15 8.72
N GLY B 67 2.58 -15.70 9.85
CA GLY B 67 4.00 -15.93 10.04
C GLY B 67 4.50 -17.01 9.08
N ALA B 68 5.73 -16.88 8.57
CA ALA B 68 6.67 -15.82 8.91
C ALA B 68 6.54 -14.62 7.98
N PHE B 69 6.75 -13.43 8.50
CA PHE B 69 6.75 -12.20 7.70
C PHE B 69 7.54 -11.15 8.48
N VAL B 70 7.56 -9.92 7.96
CA VAL B 70 8.33 -8.82 8.54
C VAL B 70 7.44 -7.59 8.58
N ILE B 71 7.20 -7.06 9.77
CA ILE B 71 6.54 -5.78 9.97
C ILE B 71 7.54 -4.83 10.59
N MET B 72 7.40 -3.55 10.24
CA MET B 72 8.31 -2.52 10.76
C MET B 72 7.49 -1.29 11.11
N SER B 73 7.74 -0.74 12.30
CA SER B 73 7.08 0.46 12.76
C SER B 73 7.96 1.69 12.64
N GLY B 74 9.17 1.56 12.12
CA GLY B 74 10.07 2.68 11.98
C GLY B 74 10.99 2.50 10.80
N PHE B 75 11.45 3.62 10.24
CA PHE B 75 12.41 3.59 9.15
C PHE B 75 13.75 3.08 9.67
N ILE B 76 14.72 2.96 8.76
CA ILE B 76 16.02 2.40 9.09
C ILE B 76 17.09 3.48 9.23
N ASP B 77 17.04 4.53 8.40
CA ASP B 77 17.97 5.64 8.56
C ASP B 77 17.48 6.61 9.64
N THR B 78 16.34 7.26 9.38
CA THR B 78 15.80 8.21 10.35
C THR B 78 15.47 7.52 11.67
N GLU B 79 15.11 6.23 11.62
CA GLU B 79 14.67 5.47 12.79
C GLU B 79 13.43 6.08 13.44
N THR B 80 12.64 6.82 12.67
CA THR B 80 11.40 7.41 13.15
C THR B 80 10.22 6.57 12.69
N SER B 81 9.06 6.84 13.30
CA SER B 81 7.87 6.03 13.04
C SER B 81 7.46 6.11 11.57
N VAL B 82 6.80 5.05 11.10
CA VAL B 82 6.30 4.99 9.74
C VAL B 82 4.78 5.08 9.77
N GLY B 83 4.24 5.71 10.79
CA GLY B 83 2.82 5.73 11.02
C GLY B 83 2.44 4.96 12.28
N TYR B 84 1.25 5.27 12.79
CA TYR B 84 0.80 4.75 14.08
C TYR B 84 -0.23 3.65 13.83
N TYR B 85 0.17 2.40 14.05
CA TYR B 85 -0.70 1.26 13.87
C TYR B 85 -0.54 0.30 15.03
N ASN B 86 -1.55 -0.56 15.22
CA ASN B 86 -1.51 -1.61 16.22
C ASN B 86 -1.40 -2.96 15.52
N LEU B 87 -0.54 -3.82 16.04
CA LEU B 87 -0.36 -5.17 15.52
C LEU B 87 -0.91 -6.14 16.57
N GLU B 88 -2.17 -6.52 16.41
CA GLU B 88 -2.85 -7.38 17.37
C GLU B 88 -2.68 -8.85 16.99
N VAL B 89 -2.50 -9.69 18.01
CA VAL B 89 -2.48 -11.14 17.82
C VAL B 89 -3.90 -11.65 17.87
N ILE B 90 -4.27 -12.47 16.88
CA ILE B 90 -5.63 -13.00 16.78
C ILE B 90 -5.68 -14.52 16.87
N SER B 91 -4.55 -15.21 16.87
CA SER B 91 -4.53 -16.64 17.13
C SER B 91 -4.37 -16.89 18.64
N GLU B 92 -4.57 -18.15 19.02
CA GLU B 92 -4.40 -18.53 20.42
C GLU B 92 -3.04 -18.06 20.94
N GLN B 93 -1.98 -18.30 20.18
CA GLN B 93 -0.64 -17.88 20.54
C GLN B 93 0.14 -17.56 19.28
N ALA B 94 1.06 -16.62 19.39
CA ALA B 94 1.93 -16.24 18.29
C ALA B 94 3.34 -15.99 18.83
N THR B 95 4.33 -16.34 18.01
CA THR B 95 5.74 -16.25 18.40
C THR B 95 6.46 -15.34 17.43
N ALA B 96 7.09 -14.28 17.96
CA ALA B 96 7.78 -13.30 17.14
C ALA B 96 9.06 -12.87 17.82
N TYR B 97 9.98 -12.31 17.01
CA TYR B 97 11.26 -11.81 17.48
C TYR B 97 11.22 -10.28 17.40
N VAL B 98 11.04 -9.63 18.55
CA VAL B 98 11.10 -8.18 18.61
C VAL B 98 12.56 -7.76 18.69
N ILE B 99 12.93 -6.77 17.88
CA ILE B 99 14.29 -6.26 17.85
C ILE B 99 14.23 -4.75 17.64
N LYS B 100 15.03 -4.02 18.41
CA LYS B 100 15.09 -2.57 18.26
C LYS B 100 15.48 -2.22 16.83
N ILE B 101 14.91 -1.11 16.33
CA ILE B 101 15.16 -0.73 14.94
C ILE B 101 16.64 -0.44 14.71
N ASN B 102 17.33 0.10 15.72
CA ASN B 102 18.76 0.35 15.60
C ASN B 102 19.52 -0.98 15.49
N GLU B 103 19.12 -1.98 16.26
CA GLU B 103 19.75 -3.29 16.20
C GLU B 103 19.74 -3.83 14.77
N LEU B 104 18.57 -3.76 14.11
CA LEU B 104 18.44 -4.31 12.77
C LEU B 104 19.46 -3.71 11.80
N LYS B 105 19.82 -2.45 11.99
CA LYS B 105 20.67 -1.77 11.00
C LYS B 105 21.96 -2.54 10.77
N GLU B 106 22.63 -2.95 11.84
CA GLU B 106 23.97 -3.53 11.71
C GLU B 106 23.92 -4.99 11.25
N LEU B 107 22.91 -5.76 11.70
CA LEU B 107 22.84 -7.17 11.31
C LEU B 107 22.79 -7.31 9.79
N LEU B 108 21.84 -6.63 9.15
CA LEU B 108 21.73 -6.70 7.69
C LEU B 108 22.94 -6.08 7.01
N SER B 109 23.64 -5.16 7.68
CA SER B 109 24.84 -4.58 7.09
C SER B 109 25.92 -5.63 6.89
N LYS B 110 25.92 -6.68 7.72
CA LYS B 110 26.92 -7.73 7.59
C LYS B 110 26.49 -8.76 6.55
N ASN B 111 25.28 -9.29 6.69
CA ASN B 111 24.78 -10.35 5.82
C ASN B 111 23.84 -9.75 4.79
N LEU B 112 24.13 -10.00 3.52
CA LEU B 112 23.32 -9.46 2.43
C LEU B 112 22.19 -10.40 2.02
N THR B 113 22.45 -11.71 2.02
CA THR B 113 21.39 -12.66 1.67
C THR B 113 20.18 -12.47 2.57
N HIS B 114 20.40 -12.17 3.85
CA HIS B 114 19.30 -11.85 4.74
C HIS B 114 18.76 -10.45 4.50
N PHE B 115 19.58 -9.55 3.95
CA PHE B 115 19.10 -8.20 3.66
C PHE B 115 18.08 -8.22 2.51
N PHE B 116 18.42 -8.88 1.41
CA PHE B 116 17.50 -8.97 0.28
C PHE B 116 16.22 -9.68 0.66
N TYR B 117 16.30 -10.66 1.57
CA TYR B 117 15.09 -11.30 2.07
C TYR B 117 14.15 -10.28 2.71
N VAL B 118 14.71 -9.40 3.54
CA VAL B 118 13.90 -8.34 4.13
C VAL B 118 13.40 -7.39 3.06
N PHE B 119 14.27 -7.04 2.10
CA PHE B 119 13.84 -6.22 0.97
C PHE B 119 12.75 -6.91 0.18
N GLN B 120 12.88 -8.23 -0.01
CA GLN B 120 11.85 -8.99 -0.72
C GLN B 120 10.49 -8.83 -0.06
N THR B 121 10.41 -9.12 1.25
CA THR B 121 9.12 -9.08 1.94
C THR B 121 8.47 -7.70 1.81
N LEU B 122 9.26 -6.63 1.77
CA LEU B 122 8.68 -5.30 1.61
C LEU B 122 8.10 -5.12 0.20
N GLN B 123 8.78 -5.67 -0.81
CA GLN B 123 8.22 -5.67 -2.16
C GLN B 123 6.89 -6.42 -2.19
N LYS B 124 6.78 -7.51 -1.44
CA LYS B 124 5.49 -8.18 -1.29
C LYS B 124 4.46 -7.24 -0.69
N GLN B 125 4.88 -6.42 0.28
CA GLN B 125 3.95 -5.50 0.94
C GLN B 125 3.41 -4.46 -0.04
N VAL B 126 4.32 -3.79 -0.77
CA VAL B 126 3.90 -2.74 -1.69
C VAL B 126 2.91 -3.29 -2.72
N SER B 127 3.34 -4.30 -3.47
CA SER B 127 2.47 -4.89 -4.48
C SER B 127 1.12 -5.30 -3.89
N TYR B 128 1.14 -5.84 -2.67
CA TYR B 128 -0.12 -6.24 -2.02
C TYR B 128 -1.00 -5.03 -1.75
N SER B 129 -0.40 -3.92 -1.31
CA SER B 129 -1.18 -2.74 -0.97
C SER B 129 -1.83 -2.13 -2.22
N LEU B 130 -1.09 -2.04 -3.31
CA LEU B 130 -1.64 -1.47 -4.54
C LEU B 130 -2.73 -2.36 -5.12
N ALA B 131 -2.49 -3.67 -5.15
CA ALA B 131 -3.51 -4.60 -5.64
C ALA B 131 -4.78 -4.50 -4.81
N LYS B 132 -4.63 -4.47 -3.48
CA LYS B 132 -5.80 -4.36 -2.62
C LYS B 132 -6.49 -3.02 -2.81
N PHE B 133 -5.73 -1.93 -2.88
CA PHE B 133 -6.32 -0.62 -3.15
C PHE B 133 -7.02 -0.60 -4.50
N ASN B 134 -6.48 -1.33 -5.49
CA ASN B 134 -7.05 -1.32 -6.82
C ASN B 134 -8.44 -1.93 -6.84
N ASP B 135 -8.60 -3.09 -6.22
CA ASP B 135 -9.88 -3.81 -6.27
C ASP B 135 -10.90 -3.26 -5.29
N PHE B 136 -10.48 -2.59 -4.23
CA PHE B 136 -11.43 -2.01 -3.29
C PHE B 136 -12.02 -0.70 -3.81
N SER B 137 -11.28 0.03 -4.63
CA SER B 137 -11.69 1.36 -5.06
C SER B 137 -12.58 1.35 -6.31
N ILE B 138 -12.72 0.21 -6.98
CA ILE B 138 -13.45 0.18 -8.25
C ILE B 138 -14.91 -0.17 -8.05
N ASN B 139 -15.20 -1.24 -7.29
CA ASN B 139 -16.56 -1.78 -7.22
C ASN B 139 -17.22 -1.52 -5.86
N GLY B 140 -16.80 -0.47 -5.17
CA GLY B 140 -17.47 -0.09 -3.94
C GLY B 140 -17.26 -1.11 -2.83
N LYS B 141 -18.28 -1.23 -1.98
CA LYS B 141 -18.18 -2.11 -0.82
C LYS B 141 -18.36 -3.58 -1.22
N LEU B 142 -19.34 -3.87 -2.07
CA LEU B 142 -19.53 -5.24 -2.53
C LEU B 142 -18.22 -5.83 -3.05
N GLY B 143 -17.47 -5.04 -3.82
CA GLY B 143 -16.17 -5.50 -4.29
C GLY B 143 -15.12 -5.52 -3.19
N SER B 144 -15.28 -4.70 -2.16
CA SER B 144 -14.37 -4.74 -1.02
C SER B 144 -14.56 -6.01 -0.22
N ILE B 145 -15.81 -6.33 0.11
CA ILE B 145 -16.12 -7.57 0.83
C ILE B 145 -15.66 -8.76 0.00
N CYS B 146 -16.04 -8.80 -1.28
CA CYS B 146 -15.63 -9.90 -2.14
C CYS B 146 -14.12 -9.96 -2.29
N GLY B 147 -13.44 -8.81 -2.17
CA GLY B 147 -11.99 -8.82 -2.28
C GLY B 147 -11.32 -9.42 -1.05
N GLN B 148 -11.78 -9.03 0.14
CA GLN B 148 -11.20 -9.58 1.36
C GLN B 148 -11.41 -11.08 1.44
N LEU B 149 -12.59 -11.57 1.06
CA LEU B 149 -12.85 -13.00 1.06
C LEU B 149 -11.88 -13.72 0.13
N LEU B 150 -11.54 -13.10 -1.01
CA LEU B 150 -10.59 -13.71 -1.93
C LEU B 150 -9.21 -13.82 -1.29
N ILE B 151 -8.82 -12.81 -0.51
CA ILE B 151 -7.53 -12.85 0.18
C ILE B 151 -7.52 -13.96 1.22
N LEU B 152 -8.60 -14.07 2.01
CA LEU B 152 -8.62 -15.03 3.10
C LEU B 152 -8.63 -16.46 2.57
N THR B 153 -9.34 -16.72 1.48
CA THR B 153 -9.41 -18.07 0.94
C THR B 153 -8.05 -18.53 0.41
N TYR B 154 -7.23 -17.61 -0.11
CA TYR B 154 -5.92 -17.97 -0.61
C TYR B 154 -4.91 -18.21 0.51
N VAL B 155 -5.22 -17.81 1.74
CA VAL B 155 -4.30 -17.93 2.86
C VAL B 155 -4.81 -18.88 3.93
N TYR B 156 -6.11 -18.84 4.21
CA TYR B 156 -6.72 -19.67 5.25
C TYR B 156 -7.76 -20.62 4.68
N GLY B 157 -7.66 -20.96 3.40
CA GLY B 157 -8.64 -21.80 2.73
C GLY B 157 -8.09 -23.20 2.49
N LYS B 158 -8.93 -24.20 2.74
CA LYS B 158 -8.59 -25.59 2.53
C LYS B 158 -9.74 -26.28 1.80
N GLU B 159 -9.42 -27.09 0.81
CA GLU B 159 -10.46 -27.78 0.04
C GLU B 159 -11.27 -28.79 0.85
N THR B 160 -12.59 -28.77 0.63
CA THR B 160 -13.51 -29.69 1.28
C THR B 160 -14.69 -29.92 0.36
N PRO B 161 -15.45 -31.00 0.60
CA PRO B 161 -16.58 -31.33 -0.27
C PRO B 161 -17.68 -30.27 -0.24
N ASP B 162 -18.00 -29.74 0.94
CA ASP B 162 -19.04 -28.72 1.06
C ASP B 162 -18.64 -27.44 0.34
N GLY B 163 -17.37 -27.08 0.47
CA GLY B 163 -16.82 -25.88 -0.13
C GLY B 163 -15.45 -25.64 0.48
N ILE B 164 -14.89 -24.45 0.29
CA ILE B 164 -13.59 -24.17 0.87
C ILE B 164 -13.81 -23.48 2.21
N LYS B 165 -13.43 -24.15 3.30
CA LYS B 165 -13.58 -23.54 4.62
C LYS B 165 -12.50 -22.50 4.83
N ILE B 166 -12.89 -21.38 5.45
CA ILE B 166 -11.96 -20.33 5.83
C ILE B 166 -11.66 -20.55 7.31
N THR B 167 -10.51 -21.15 7.59
CA THR B 167 -10.14 -21.47 8.97
C THR B 167 -9.79 -20.22 9.75
N LEU B 168 -10.78 -19.65 10.45
CA LEU B 168 -10.54 -18.48 11.29
C LEU B 168 -11.53 -18.48 12.45
N ASP B 169 -11.00 -18.36 13.66
CA ASP B 169 -11.82 -18.27 14.85
C ASP B 169 -12.26 -16.83 15.07
N ASN B 170 -13.56 -16.64 15.33
CA ASN B 170 -14.12 -15.32 15.60
C ASN B 170 -13.89 -14.38 14.41
N LEU B 171 -14.56 -14.72 13.32
CA LEU B 171 -14.61 -13.87 12.13
C LEU B 171 -16.00 -13.26 12.03
N THR B 172 -16.29 -12.34 12.95
CA THR B 172 -17.61 -11.76 13.05
C THR B 172 -17.94 -10.92 11.81
N MET B 173 -19.19 -10.48 11.74
CA MET B 173 -19.57 -9.50 10.74
C MET B 173 -18.81 -8.20 10.91
N GLN B 174 -18.47 -7.85 12.16
CA GLN B 174 -17.72 -6.63 12.41
C GLN B 174 -16.33 -6.69 11.80
N GLU B 175 -15.64 -7.83 11.95
CA GLU B 175 -14.26 -7.91 11.46
C GLU B 175 -14.20 -7.74 9.94
N LEU B 176 -15.21 -8.23 9.22
CA LEU B 176 -15.26 -8.00 7.78
C LEU B 176 -15.48 -6.53 7.47
N GLY B 177 -16.40 -5.89 8.19
CA GLY B 177 -16.61 -4.47 8.00
C GLY B 177 -15.38 -3.64 8.30
N TYR B 178 -14.75 -3.91 9.45
CA TYR B 178 -13.50 -3.23 9.78
C TYR B 178 -12.49 -3.39 8.66
N SER B 179 -12.43 -4.58 8.06
CA SER B 179 -11.48 -4.87 6.99
C SER B 179 -11.96 -4.34 5.64
N SER B 180 -13.14 -3.73 5.58
CA SER B 180 -13.69 -3.21 4.33
C SER B 180 -14.17 -1.76 4.45
N GLY B 181 -13.96 -1.12 5.59
CA GLY B 181 -14.43 0.23 5.79
C GLY B 181 -15.89 0.34 6.20
N ILE B 182 -16.60 -0.78 6.30
CA ILE B 182 -18.00 -0.76 6.68
C ILE B 182 -18.09 -0.70 8.20
N ALA B 183 -18.96 0.18 8.71
CA ALA B 183 -19.03 0.45 10.14
C ALA B 183 -20.22 -0.21 10.83
N HIS B 184 -21.15 -0.80 10.08
CA HIS B 184 -22.35 -1.38 10.65
C HIS B 184 -22.50 -2.82 10.18
N SER B 185 -22.69 -3.73 11.14
CA SER B 185 -22.83 -5.15 10.81
C SER B 185 -24.02 -5.39 9.89
N SER B 186 -25.09 -4.59 10.01
CA SER B 186 -26.24 -4.80 9.15
C SER B 186 -25.90 -4.61 7.68
N ALA B 187 -24.87 -3.81 7.39
CA ALA B 187 -24.48 -3.58 6.01
C ALA B 187 -23.72 -4.75 5.42
N VAL B 188 -22.84 -5.39 6.22
CA VAL B 188 -22.11 -6.55 5.73
C VAL B 188 -23.02 -7.76 5.65
N SER B 189 -23.92 -7.92 6.63
CA SER B 189 -24.87 -9.02 6.58
C SER B 189 -25.76 -8.93 5.35
N ARG B 190 -26.10 -7.70 4.93
CA ARG B 190 -26.91 -7.52 3.74
C ARG B 190 -26.15 -7.93 2.49
N ILE B 191 -24.88 -7.52 2.38
CA ILE B 191 -24.05 -7.97 1.27
C ILE B 191 -23.88 -9.48 1.31
N ILE B 192 -23.73 -10.05 2.51
CA ILE B 192 -23.55 -11.49 2.64
C ILE B 192 -24.87 -12.21 2.35
N SER B 193 -25.99 -11.65 2.81
CA SER B 193 -27.28 -12.24 2.50
C SER B 193 -27.48 -12.40 1.01
N LYS B 194 -26.80 -11.58 0.20
CA LYS B 194 -26.88 -11.70 -1.25
C LYS B 194 -25.92 -12.76 -1.77
N LEU B 195 -24.67 -12.72 -1.31
CA LEU B 195 -23.69 -13.70 -1.76
C LEU B 195 -24.11 -15.11 -1.40
N LYS B 196 -24.88 -15.28 -0.32
CA LYS B 196 -25.48 -16.57 -0.03
C LYS B 196 -26.63 -16.86 -0.98
N GLN B 197 -27.50 -15.86 -1.20
CA GLN B 197 -28.62 -16.04 -2.12
C GLN B 197 -28.14 -16.34 -3.53
N GLU B 198 -26.97 -15.83 -3.91
CA GLU B 198 -26.41 -16.05 -5.24
C GLU B 198 -25.60 -17.35 -5.32
N LYS B 199 -25.68 -18.22 -4.31
CA LYS B 199 -24.98 -19.49 -4.33
C LYS B 199 -23.46 -19.29 -4.49
N VAL B 200 -22.92 -18.36 -3.69
CA VAL B 200 -21.49 -18.09 -3.71
C VAL B 200 -20.80 -18.55 -2.43
N ILE B 201 -21.46 -18.47 -1.28
CA ILE B 201 -20.87 -18.87 0.00
C ILE B 201 -21.95 -19.48 0.87
N VAL B 202 -21.51 -20.15 1.94
CA VAL B 202 -22.41 -20.75 2.92
C VAL B 202 -21.85 -20.50 4.32
N TYR B 203 -22.75 -20.50 5.30
CA TYR B 203 -22.33 -20.40 6.68
C TYR B 203 -22.42 -21.79 7.29
N LYS B 204 -21.27 -22.37 7.62
CA LYS B 204 -21.27 -23.70 8.21
C LYS B 204 -20.49 -23.71 9.52
N ASN B 205 -21.12 -24.19 10.59
CA ASN B 205 -20.43 -24.29 11.86
C ASN B 205 -19.84 -22.94 12.24
N SER B 206 -20.60 -21.88 11.98
CA SER B 206 -20.14 -20.52 12.21
C SER B 206 -18.86 -20.25 11.41
N CYS B 207 -18.82 -20.79 10.19
CA CYS B 207 -17.67 -20.64 9.29
C CYS B 207 -18.18 -20.34 7.90
N PHE B 208 -17.29 -19.92 7.01
CA PHE B 208 -17.66 -19.50 5.67
C PHE B 208 -17.07 -20.47 4.67
N TYR B 209 -17.93 -21.18 3.95
CA TYR B 209 -17.54 -22.05 2.85
C TYR B 209 -17.80 -21.34 1.53
N VAL B 210 -16.80 -21.30 0.67
CA VAL B 210 -16.88 -20.62 -0.60
C VAL B 210 -17.13 -21.61 -1.69
N GLN B 211 -18.14 -21.39 -2.51
CA GLN B 211 -18.47 -22.36 -3.53
C GLN B 211 -18.20 -21.83 -4.91
N ASN B 212 -18.31 -20.53 -5.08
CA ASN B 212 -18.09 -19.93 -6.37
C ASN B 212 -16.89 -19.03 -6.41
N LEU B 213 -15.73 -19.62 -6.48
CA LEU B 213 -14.50 -18.84 -6.38
C LEU B 213 -14.41 -17.80 -7.49
N ASP B 214 -14.78 -18.17 -8.71
CA ASP B 214 -14.64 -17.27 -9.85
C ASP B 214 -15.39 -15.97 -9.63
N TYR B 215 -16.55 -16.01 -8.96
CA TYR B 215 -17.27 -14.78 -8.65
C TYR B 215 -16.37 -13.79 -7.93
N LEU B 216 -15.71 -14.24 -6.87
CA LEU B 216 -14.79 -13.37 -6.12
C LEU B 216 -13.67 -12.87 -7.03
N LYS B 217 -13.23 -13.69 -7.94
CA LYS B 217 -12.16 -13.28 -8.81
C LYS B 217 -12.56 -12.16 -9.76
N ARG B 218 -13.83 -12.05 -10.08
CA ARG B 218 -14.30 -10.94 -10.90
C ARG B 218 -14.11 -9.61 -10.19
N TYR B 219 -14.37 -9.57 -8.88
CA TYR B 219 -14.26 -8.34 -8.11
C TYR B 219 -12.88 -8.14 -7.49
N GLY B 220 -11.92 -9.01 -7.79
CA GLY B 220 -10.59 -8.88 -7.25
C GLY B 220 -9.52 -9.43 -8.17
N PRO B 221 -9.48 -8.94 -9.41
CA PRO B 221 -8.50 -9.49 -10.36
C PRO B 221 -7.07 -9.11 -10.04
N LYS B 222 -6.82 -7.87 -9.59
CA LYS B 222 -5.46 -7.48 -9.24
C LYS B 222 -4.95 -8.27 -8.04
N LEU B 223 -5.81 -8.58 -7.08
CA LEU B 223 -5.38 -9.36 -5.93
C LEU B 223 -5.08 -10.80 -6.34
N ASP B 224 -5.97 -11.42 -7.10
CA ASP B 224 -5.67 -12.73 -7.67
C ASP B 224 -4.36 -12.69 -8.43
N GLU B 225 -4.15 -11.62 -9.21
CA GLU B 225 -2.89 -11.46 -9.93
C GLU B 225 -1.71 -11.41 -8.95
N TRP B 226 -1.89 -10.75 -7.80
CA TRP B 226 -0.79 -10.62 -6.85
C TRP B 226 -0.41 -11.97 -6.26
N PHE B 227 -1.41 -12.73 -5.80
CA PHE B 227 -1.12 -14.07 -5.30
C PHE B 227 -0.45 -14.93 -6.36
N TYR B 228 -0.77 -14.72 -7.63
CA TYR B 228 -0.16 -15.50 -8.69
C TYR B 228 1.30 -15.13 -8.89
N LEU B 229 1.64 -13.85 -8.68
CA LEU B 229 3.00 -13.37 -8.90
C LEU B 229 3.84 -13.30 -7.63
N ALA B 230 3.22 -13.02 -6.48
CA ALA B 230 3.94 -12.82 -5.23
C ALA B 230 4.00 -14.08 -4.38
N CYS B 231 2.87 -14.75 -4.20
CA CYS B 231 2.79 -15.98 -3.42
C CYS B 231 2.28 -17.09 -4.33
N PRO B 232 3.09 -17.55 -5.29
CA PRO B 232 2.58 -18.53 -6.26
C PRO B 232 2.33 -19.89 -5.65
N ALA B 233 3.07 -20.27 -4.61
CA ALA B 233 2.83 -21.56 -3.96
C ALA B 233 1.42 -21.63 -3.40
N THR B 234 1.03 -20.63 -2.60
CA THR B 234 -0.31 -20.61 -2.03
C THR B 234 -1.37 -20.45 -3.11
N TRP B 235 -1.03 -19.87 -4.25
CA TRP B 235 -1.99 -19.71 -5.34
C TRP B 235 -2.36 -21.06 -5.94
N GLY B 236 -1.34 -21.87 -6.28
CA GLY B 236 -1.60 -23.14 -6.95
C GLY B 236 -2.54 -24.04 -6.18
N LYS B 237 -2.63 -23.87 -4.86
CA LYS B 237 -3.49 -24.74 -4.05
C LYS B 237 -4.95 -24.66 -4.46
N LEU B 238 -5.36 -23.59 -5.14
CA LEU B 238 -6.76 -23.38 -5.51
C LEU B 238 -6.88 -23.10 -7.00
N ASN B 239 -6.07 -23.78 -7.81
CA ASN B 239 -6.15 -23.63 -9.25
C ASN B 239 -5.83 -24.95 -9.96
C1 GOL E . 4.10 8.98 -3.54
O1 GOL E . 5.15 8.46 -2.76
C2 GOL E . 3.70 10.36 -3.00
O2 GOL E . 4.80 10.95 -2.34
C3 GOL E . 3.25 11.26 -4.15
O3 GOL E . 1.98 10.84 -4.61
C1 GOL F . 0.87 -9.53 2.48
O1 GOL F . 2.25 -9.84 2.52
C2 GOL F . 0.06 -10.75 2.91
O2 GOL F . 0.84 -11.56 3.75
C3 GOL F . -1.19 -10.28 3.65
O3 GOL F . -1.99 -11.39 3.97
C1 GOL G . -7.80 -3.00 19.31
O1 GOL G . -6.47 -3.20 19.74
C2 GOL G . -7.94 -3.30 17.82
O2 GOL G . -6.76 -3.92 17.34
C3 GOL G . -9.14 -4.19 17.59
O3 GOL G . -10.27 -3.69 18.27
#